data_4ISE
#
_entry.id   4ISE
#
_cell.length_a   49.483
_cell.length_b   77.646
_cell.length_c   119.274
_cell.angle_alpha   90.00
_cell.angle_beta   90.00
_cell.angle_gamma   90.00
#
_symmetry.space_group_name_H-M   'P 21 21 21'
#
loop_
_entity.id
_entity.type
_entity.pdbx_description
1 polymer Glucokinase
2 non-polymer alpha-D-glucopyranose
3 non-polymer (2S)-3-cyclohexyl-2-(6-fluoro-4-oxoquinazolin-3(4H)-yl)-N-(1,3-thiazol-2-yl)propanamide
4 non-polymer 'IODIDE ION'
5 water water
#
_entity_poly.entity_id   1
_entity_poly.type   'polypeptide(L)'
_entity_poly.pdbx_seq_one_letter_code
;MKPMPLTLVEQILAEFQLQEEDLKKVMRRMQKEMDRGLRLETHEEASVKMLPTYVRSTPEGSEVGDFLSLDLGGTNFRVM
LVKVGEGEEGQWSVKTKHQMYSIPEDAMTGTAEMLFDYISECISDFLDKHQMKHKKLPLGFTFSFPVRHEDIDKGILLNW
TKGFKASGAEGNNVVGLLRDAIKRRGDFEMDVVAMVNDTVATMISCYYEDHQCEVGMIVGTGCNACYMEEMQNVELVEGD
EGRMCVNTEWGAFGDSGELDEFLLEYDRLVDESSANPGQQLYEKLIGGKYMGELVRLVLLRLVDENLLFHGEASEQLRTR
GAFETRFVSQVESDTGDRKQIYNILSTLGLRPSTTDCDIVRRACESVSTRAAHMCSAGLAGVINRMRESRSEDVMRITVG
VDGSVYKLHPSFKERFHASVRRLTPSCEITFIESEEGSGRGAALVSAVACKKACMLGQ
;
_entity_poly.pdbx_strand_id   A
#
# COMPACT_ATOMS: atom_id res chain seq x y z
N LYS A 2 -29.51 13.02 -11.10
CA LYS A 2 -29.70 11.59 -10.70
C LYS A 2 -31.18 11.28 -10.47
N PRO A 3 -31.58 10.03 -10.74
CA PRO A 3 -32.97 9.63 -10.51
C PRO A 3 -33.26 9.35 -9.03
N MET A 4 -34.54 9.35 -8.66
CA MET A 4 -34.94 8.92 -7.32
C MET A 4 -34.59 7.43 -7.21
N PRO A 5 -33.68 7.07 -6.29
CA PRO A 5 -33.26 5.68 -6.18
C PRO A 5 -34.34 4.79 -5.57
N LEU A 6 -34.29 3.49 -5.87
CA LEU A 6 -35.21 2.53 -5.28
C LEU A 6 -34.98 2.43 -3.78
N THR A 7 -36.02 2.71 -3.01
CA THR A 7 -35.93 2.76 -1.55
C THR A 7 -35.38 1.46 -0.94
N LEU A 8 -35.86 0.31 -1.40
CA LEU A 8 -35.43 -0.97 -0.83
C LEU A 8 -33.95 -1.28 -1.08
N VAL A 9 -33.43 -0.86 -2.23
CA VAL A 9 -32.00 -1.01 -2.53
C VAL A 9 -31.18 -0.12 -1.59
N GLU A 10 -31.61 1.14 -1.46
CA GLU A 10 -30.91 2.10 -0.61
C GLU A 10 -30.88 1.67 0.85
N GLN A 11 -31.95 1.01 1.32
CA GLN A 11 -31.97 0.49 2.68
C GLN A 11 -30.85 -0.52 2.92
N ILE A 12 -30.63 -1.38 1.94
CA ILE A 12 -29.56 -2.38 2.01
C ILE A 12 -28.19 -1.70 1.90
N LEU A 13 -28.03 -0.82 0.93
CA LEU A 13 -26.75 -0.16 0.71
C LEU A 13 -26.36 0.80 1.85
N ALA A 14 -27.37 1.33 2.55
CA ALA A 14 -27.13 2.25 3.67
C ALA A 14 -26.46 1.57 4.87
N GLU A 15 -26.50 0.24 4.91
CA GLU A 15 -25.75 -0.55 5.91
C GLU A 15 -24.27 -0.17 5.97
N PHE A 16 -23.71 0.21 4.82
CA PHE A 16 -22.29 0.54 4.70
C PHE A 16 -21.92 1.91 5.25
N GLN A 17 -22.92 2.73 5.55
CA GLN A 17 -22.65 4.09 5.99
C GLN A 17 -21.89 4.11 7.31
N LEU A 18 -20.94 5.03 7.40
CA LEU A 18 -20.22 5.28 8.63
C LEU A 18 -20.27 6.78 8.90
N GLN A 19 -20.84 7.15 10.04
CA GLN A 19 -20.99 8.56 10.42
C GLN A 19 -19.69 9.03 11.04
N GLU A 20 -19.56 10.35 11.22
CA GLU A 20 -18.34 10.90 11.79
C GLU A 20 -18.05 10.29 13.16
N GLU A 21 -19.09 10.17 14.00
CA GLU A 21 -18.96 9.55 15.33
C GLU A 21 -18.44 8.11 15.26
N ASP A 22 -18.86 7.37 14.23
CA ASP A 22 -18.40 5.99 14.04
C ASP A 22 -16.91 6.00 13.73
N LEU A 23 -16.50 6.88 12.82
CA LEU A 23 -15.10 6.98 12.44
C LEU A 23 -14.21 7.47 13.57
N LYS A 24 -14.73 8.38 14.39
CA LYS A 24 -14.00 8.85 15.56
C LYS A 24 -13.79 7.73 16.57
N LYS A 25 -14.80 6.88 16.72
CA LYS A 25 -14.70 5.72 17.60
C LYS A 25 -13.63 4.76 17.09
N VAL A 26 -13.65 4.47 15.79
CA VAL A 26 -12.65 3.61 15.17
C VAL A 26 -11.25 4.22 15.34
N MET A 27 -11.15 5.52 15.06
CA MET A 27 -9.90 6.26 15.17
C MET A 27 -9.31 6.14 16.56
N ARG A 28 -10.14 6.38 17.58
CA ARG A 28 -9.69 6.27 18.96
C ARG A 28 -9.22 4.86 19.28
N ARG A 29 -9.96 3.86 18.85
CA ARG A 29 -9.56 2.47 19.06
C ARG A 29 -8.22 2.17 18.38
N MET A 30 -8.05 2.64 17.15
CA MET A 30 -6.78 2.46 16.45
C MET A 30 -5.64 3.13 17.22
N GLN A 31 -5.88 4.33 17.73
CA GLN A 31 -4.86 5.05 18.49
C GLN A 31 -4.45 4.29 19.75
N LYS A 32 -5.40 3.64 20.42
CA LYS A 32 -5.05 2.83 21.59
C LYS A 32 -4.21 1.62 21.19
N GLU A 33 -4.53 0.99 20.08
CA GLU A 33 -3.73 -0.15 19.59
C GLU A 33 -2.33 0.28 19.14
N MET A 34 -2.21 1.48 18.59
CA MET A 34 -0.92 2.01 18.21
C MET A 34 -0.08 2.30 19.46
N ASP A 35 -0.70 2.90 20.47
CA ASP A 35 -0.07 3.04 21.79
C ASP A 35 0.46 1.70 22.30
N ARG A 36 -0.38 0.68 22.20
CA ARG A 36 -0.03 -0.66 22.70
C ARG A 36 1.19 -1.22 21.98
N GLY A 37 1.28 -0.99 20.67
CA GLY A 37 2.37 -1.50 19.87
C GLY A 37 3.70 -0.80 20.13
N LEU A 38 3.64 0.47 20.52
CA LEU A 38 4.83 1.28 20.71
C LEU A 38 5.49 1.05 22.06
N ARG A 39 4.72 0.56 23.03
CA ARG A 39 5.21 0.43 24.39
C ARG A 39 5.87 -0.93 24.61
N LEU A 40 7.02 -0.90 25.31
CA LEU A 40 7.78 -2.12 25.60
C LEU A 40 6.94 -3.18 26.32
N GLU A 41 6.17 -2.75 27.31
CA GLU A 41 5.41 -3.68 28.14
C GLU A 41 4.30 -4.41 27.38
N THR A 42 3.77 -3.78 26.33
CA THR A 42 2.60 -4.31 25.65
C THR A 42 2.84 -4.68 24.19
N HIS A 43 4.05 -4.42 23.67
CA HIS A 43 4.34 -4.67 22.27
C HIS A 43 4.16 -6.14 21.86
N GLU A 44 4.61 -7.06 22.70
CA GLU A 44 4.59 -8.49 22.35
C GLU A 44 3.17 -8.97 22.05
N GLU A 45 2.23 -8.51 22.86
CA GLU A 45 0.83 -8.93 22.74
C GLU A 45 0.02 -8.02 21.82
N ALA A 46 0.58 -6.87 21.43
CA ALA A 46 -0.13 -5.91 20.57
C ALA A 46 -0.37 -6.48 19.18
N SER A 47 -1.57 -6.29 18.66
CA SER A 47 -1.90 -6.75 17.32
C SER A 47 -1.33 -5.79 16.26
N VAL A 48 -1.36 -4.49 16.56
CA VAL A 48 -0.79 -3.47 15.69
C VAL A 48 0.65 -3.26 16.17
N LYS A 49 1.61 -3.76 15.40
CA LYS A 49 2.97 -3.95 15.90
C LYS A 49 3.82 -2.70 15.97
N MET A 50 3.55 -1.71 15.14
CA MET A 50 4.27 -0.44 15.23
C MET A 50 5.77 -0.70 15.17
N LEU A 51 6.17 -1.44 14.14
CA LEU A 51 7.55 -1.91 14.02
C LEU A 51 8.50 -0.74 13.81
N PRO A 52 9.53 -0.62 14.66
CA PRO A 52 10.59 0.34 14.35
C PRO A 52 11.28 -0.07 13.04
N THR A 53 11.41 0.89 12.11
CA THR A 53 12.00 0.62 10.81
C THR A 53 13.49 0.89 10.78
N TYR A 54 13.98 1.57 11.81
CA TYR A 54 15.36 2.07 11.88
C TYR A 54 15.70 3.12 10.82
N VAL A 55 14.66 3.68 10.19
CA VAL A 55 14.81 4.83 9.31
C VAL A 55 14.60 6.06 10.18
N ARG A 56 15.71 6.71 10.52
CA ARG A 56 15.71 7.83 11.45
C ARG A 56 15.64 9.18 10.73
N SER A 57 15.27 10.21 11.48
CA SER A 57 15.21 11.57 10.98
C SER A 57 16.59 12.16 10.74
N THR A 58 17.62 11.57 11.35
CA THR A 58 19.00 12.02 11.14
C THR A 58 19.74 11.08 10.18
N PRO A 59 20.58 11.64 9.29
CA PRO A 59 21.39 10.78 8.43
C PRO A 59 22.21 9.77 9.23
N GLU A 60 22.24 8.52 8.75
CA GLU A 60 23.13 7.50 9.32
C GLU A 60 23.68 6.64 8.19
N GLY A 61 24.57 5.72 8.52
CA GLY A 61 25.30 4.96 7.51
C GLY A 61 26.06 5.90 6.57
N SER A 62 26.70 6.92 7.14
CA SER A 62 27.40 7.95 6.37
C SER A 62 28.51 7.38 5.49
N GLU A 63 29.05 6.23 5.88
CA GLU A 63 30.08 5.55 5.08
C GLU A 63 29.54 4.94 3.78
N VAL A 64 28.22 4.87 3.64
CA VAL A 64 27.60 4.47 2.37
C VAL A 64 27.43 5.69 1.48
N GLY A 65 28.34 5.86 0.52
CA GLY A 65 28.25 6.92 -0.47
C GLY A 65 27.80 6.39 -1.83
N ASP A 66 28.38 5.28 -2.26
CA ASP A 66 28.16 4.73 -3.60
C ASP A 66 27.40 3.41 -3.53
N PHE A 67 26.33 3.29 -4.30
CA PHE A 67 25.52 2.07 -4.28
C PHE A 67 24.77 1.85 -5.60
N LEU A 68 24.22 0.65 -5.73
CA LEU A 68 23.38 0.31 -6.87
C LEU A 68 21.92 0.38 -6.47
N SER A 69 21.09 0.84 -7.38
CA SER A 69 19.64 0.74 -7.23
C SER A 69 19.14 0.00 -8.44
N LEU A 70 18.31 -1.01 -8.21
CA LEU A 70 17.83 -1.87 -9.27
C LEU A 70 16.32 -1.78 -9.30
N ASP A 71 15.78 -1.12 -10.33
CA ASP A 71 14.34 -0.93 -10.43
C ASP A 71 13.75 -1.99 -11.33
N LEU A 72 12.85 -2.78 -10.76
CA LEU A 72 12.17 -3.85 -11.48
C LEU A 72 10.86 -3.35 -12.04
N GLY A 73 10.77 -3.29 -13.37
CA GLY A 73 9.53 -2.97 -14.07
C GLY A 73 8.76 -4.25 -14.38
N GLY A 74 7.89 -4.19 -15.38
CA GLY A 74 7.13 -5.36 -15.79
C GLY A 74 7.97 -6.36 -16.57
N THR A 75 8.59 -5.88 -17.65
CA THR A 75 9.34 -6.70 -18.59
C THR A 75 10.76 -6.15 -18.82
N ASN A 76 11.16 -5.20 -17.99
CA ASN A 76 12.52 -4.68 -18.05
C ASN A 76 12.94 -4.19 -16.67
N PHE A 77 14.21 -3.83 -16.56
CA PHE A 77 14.71 -3.33 -15.30
C PHE A 77 15.78 -2.28 -15.56
N ARG A 78 16.02 -1.46 -14.55
CA ARG A 78 17.01 -0.40 -14.62
C ARG A 78 18.07 -0.67 -13.59
N VAL A 79 19.31 -0.62 -14.01
CA VAL A 79 20.42 -0.69 -13.07
C VAL A 79 20.92 0.74 -12.96
N MET A 80 21.06 1.22 -11.73
CA MET A 80 21.47 2.59 -11.50
C MET A 80 22.60 2.65 -10.49
N LEU A 81 23.67 3.35 -10.85
CA LEU A 81 24.78 3.61 -9.95
C LEU A 81 24.48 4.96 -9.31
N VAL A 82 24.52 5.04 -7.99
CA VAL A 82 24.11 6.23 -7.25
C VAL A 82 25.20 6.68 -6.31
N LYS A 83 25.40 8.00 -6.25
CA LYS A 83 26.32 8.65 -5.31
C LYS A 83 25.52 9.69 -4.57
N VAL A 84 25.35 9.52 -3.26
CA VAL A 84 24.63 10.48 -2.45
C VAL A 84 25.65 11.34 -1.71
N GLY A 85 25.53 12.66 -1.88
CA GLY A 85 26.47 13.61 -1.28
C GLY A 85 25.75 14.77 -0.64
N GLU A 86 26.52 15.78 -0.23
CA GLU A 86 25.99 16.95 0.47
C GLU A 86 25.07 17.78 -0.43
N GLY A 90 22.23 19.18 5.25
CA GLY A 90 21.94 20.28 4.28
C GLY A 90 21.40 19.81 2.93
N GLN A 91 20.52 18.81 2.97
CA GLN A 91 19.97 18.14 1.77
C GLN A 91 20.99 17.36 0.95
N TRP A 92 20.52 16.22 0.42
CA TRP A 92 21.37 15.26 -0.25
C TRP A 92 21.26 15.44 -1.76
N SER A 93 22.41 15.52 -2.43
CA SER A 93 22.43 15.41 -3.88
C SER A 93 22.35 13.92 -4.22
N VAL A 94 21.54 13.57 -5.21
CA VAL A 94 21.44 12.19 -5.65
C VAL A 94 21.99 12.12 -7.08
N LYS A 95 23.25 11.73 -7.20
CA LYS A 95 23.94 11.67 -8.49
C LYS A 95 23.83 10.27 -9.06
N THR A 96 23.43 10.16 -10.33
CA THR A 96 23.14 8.86 -10.92
C THR A 96 23.69 8.68 -12.32
N LYS A 97 23.96 7.42 -12.64
CA LYS A 97 24.01 6.98 -14.03
C LYS A 97 23.33 5.63 -14.08
N HIS A 98 22.75 5.30 -15.22
CA HIS A 98 21.89 4.13 -15.26
C HIS A 98 21.82 3.53 -16.63
N GLN A 99 21.18 2.36 -16.69
CA GLN A 99 20.93 1.67 -17.94
C GLN A 99 19.66 0.84 -17.82
N MET A 100 18.78 0.94 -18.82
CA MET A 100 17.62 0.08 -18.95
C MET A 100 18.04 -1.20 -19.67
N TYR A 101 17.55 -2.33 -19.19
CA TYR A 101 17.77 -3.60 -19.83
C TYR A 101 16.44 -4.26 -20.10
N SER A 102 16.27 -4.78 -21.32
CA SER A 102 15.10 -5.55 -21.66
C SER A 102 15.38 -7.00 -21.29
N ILE A 103 14.38 -7.67 -20.72
CA ILE A 103 14.50 -9.08 -20.37
C ILE A 103 14.06 -9.89 -21.58
N PRO A 104 14.96 -10.70 -22.16
CA PRO A 104 14.57 -11.49 -23.32
C PRO A 104 13.52 -12.55 -22.98
N GLU A 105 12.80 -13.01 -23.99
CA GLU A 105 11.84 -14.11 -23.84
C GLU A 105 12.45 -15.29 -23.09
N ASP A 106 13.65 -15.67 -23.51
CA ASP A 106 14.41 -16.78 -22.91
C ASP A 106 14.47 -16.65 -21.39
N ALA A 107 14.92 -15.50 -20.91
CA ALA A 107 15.12 -15.27 -19.48
C ALA A 107 13.81 -15.03 -18.71
N MET A 108 12.77 -14.60 -19.41
CA MET A 108 11.51 -14.25 -18.77
C MET A 108 10.58 -15.46 -18.59
N THR A 109 10.80 -16.50 -19.39
CA THR A 109 9.91 -17.67 -19.40
C THR A 109 10.48 -18.91 -18.69
N GLY A 110 11.75 -18.86 -18.29
CA GLY A 110 12.37 -19.97 -17.58
C GLY A 110 12.23 -19.85 -16.07
N THR A 111 13.18 -20.42 -15.34
CA THR A 111 13.15 -20.39 -13.88
C THR A 111 13.57 -19.01 -13.36
N ALA A 112 13.15 -18.72 -12.14
CA ALA A 112 13.54 -17.48 -11.47
C ALA A 112 15.06 -17.37 -11.39
N GLU A 113 15.74 -18.51 -11.19
CA GLU A 113 17.20 -18.55 -11.15
C GLU A 113 17.80 -18.07 -12.46
N MET A 114 17.29 -18.59 -13.57
CA MET A 114 17.75 -18.20 -14.90
C MET A 114 17.50 -16.71 -15.16
N LEU A 115 16.36 -16.21 -14.70
CA LEU A 115 16.04 -14.79 -14.83
C LEU A 115 17.09 -13.97 -14.08
N PHE A 116 17.40 -14.36 -12.85
CA PHE A 116 18.36 -13.61 -12.04
C PHE A 116 19.81 -13.84 -12.40
N ASP A 117 20.11 -14.95 -13.08
CA ASP A 117 21.39 -15.09 -13.75
C ASP A 117 21.52 -13.99 -14.79
N TYR A 118 20.46 -13.77 -15.58
CA TYR A 118 20.50 -12.74 -16.61
C TYR A 118 20.63 -11.34 -16.01
N ILE A 119 19.86 -11.07 -14.96
CA ILE A 119 19.94 -9.77 -14.27
C ILE A 119 21.37 -9.55 -13.76
N SER A 120 21.95 -10.58 -13.16
CA SER A 120 23.32 -10.52 -12.65
C SER A 120 24.34 -10.27 -13.76
N GLU A 121 24.13 -10.87 -14.93
CA GLU A 121 25.00 -10.62 -16.08
C GLU A 121 24.92 -9.16 -16.52
N CYS A 122 23.72 -8.60 -16.51
CA CYS A 122 23.53 -7.18 -16.83
C CYS A 122 24.19 -6.25 -15.83
N ILE A 123 24.07 -6.57 -14.54
CA ILE A 123 24.77 -5.82 -13.51
C ILE A 123 26.27 -5.90 -13.75
N SER A 124 26.76 -7.09 -14.09
CA SER A 124 28.18 -7.27 -14.33
C SER A 124 28.65 -6.39 -15.48
N ASP A 125 27.90 -6.42 -16.59
CA ASP A 125 28.21 -5.59 -17.77
C ASP A 125 28.20 -4.11 -17.41
N PHE A 126 27.21 -3.73 -16.60
CA PHE A 126 27.05 -2.35 -16.16
C PHE A 126 28.24 -1.90 -15.32
N LEU A 127 28.65 -2.74 -14.37
CA LEU A 127 29.82 -2.44 -13.56
C LEU A 127 31.11 -2.41 -14.37
N ASP A 128 31.24 -3.29 -15.38
CA ASP A 128 32.37 -3.23 -16.31
C ASP A 128 32.38 -1.90 -17.04
N LYS A 129 31.22 -1.51 -17.54
CA LYS A 129 31.09 -0.27 -18.32
C LYS A 129 31.58 0.93 -17.52
N HIS A 130 31.20 0.97 -16.25
CA HIS A 130 31.52 2.10 -15.38
C HIS A 130 32.75 1.86 -14.51
N GLN A 131 33.48 0.77 -14.81
CA GLN A 131 34.74 0.45 -14.15
C GLN A 131 34.59 0.46 -12.64
N MET A 132 33.62 -0.30 -12.14
CA MET A 132 33.31 -0.31 -10.71
C MET A 132 33.48 -1.67 -10.05
N LYS A 133 34.11 -2.62 -10.74
CA LYS A 133 34.33 -3.98 -10.18
C LYS A 133 35.33 -4.03 -9.02
N HIS A 134 36.04 -2.93 -8.79
CA HIS A 134 36.96 -2.82 -7.65
C HIS A 134 36.26 -2.64 -6.30
N LYS A 135 34.97 -2.31 -6.32
CA LYS A 135 34.20 -2.06 -5.10
C LYS A 135 33.17 -3.16 -4.89
N LYS A 136 32.92 -3.50 -3.63
CA LYS A 136 31.77 -4.32 -3.28
C LYS A 136 30.66 -3.34 -2.92
N LEU A 137 29.78 -3.08 -3.88
CA LEU A 137 28.72 -2.10 -3.67
C LEU A 137 27.53 -2.79 -3.05
N PRO A 138 26.78 -2.05 -2.21
CA PRO A 138 25.48 -2.55 -1.80
C PRO A 138 24.46 -2.21 -2.88
N LEU A 139 23.44 -3.05 -3.01
CA LEU A 139 22.37 -2.83 -3.98
C LEU A 139 21.04 -2.94 -3.28
N GLY A 140 20.15 -1.99 -3.58
CA GLY A 140 18.77 -2.05 -3.13
C GLY A 140 17.83 -2.19 -4.31
N PHE A 141 16.73 -2.91 -4.08
CA PHE A 141 15.68 -3.07 -5.09
C PHE A 141 14.61 -2.00 -4.93
N THR A 142 14.08 -1.52 -6.05
CA THR A 142 12.85 -0.73 -6.05
C THR A 142 11.92 -1.33 -7.09
N PHE A 143 10.62 -1.07 -6.92
CA PHE A 143 9.61 -1.60 -7.83
C PHE A 143 8.84 -0.46 -8.48
N SER A 144 8.69 -0.54 -9.80
CA SER A 144 7.85 0.41 -10.54
C SER A 144 6.94 -0.37 -11.50
N PHE A 145 6.13 -1.25 -10.94
CA PHE A 145 5.20 -2.05 -11.74
C PHE A 145 4.02 -1.17 -12.19
N PRO A 146 3.45 -1.47 -13.37
CA PRO A 146 2.27 -0.70 -13.79
C PRO A 146 1.05 -0.93 -12.88
N ASN A 172 10.32 -17.84 -2.76
CA ASN A 172 11.26 -16.96 -3.52
C ASN A 172 11.00 -15.48 -3.28
N ASN A 173 12.09 -14.72 -3.17
CA ASN A 173 12.00 -13.27 -3.13
C ASN A 173 13.20 -12.72 -3.87
N VAL A 174 13.08 -11.50 -4.37
CA VAL A 174 14.06 -10.96 -5.31
C VAL A 174 15.44 -10.78 -4.66
N VAL A 175 15.46 -10.40 -3.38
CA VAL A 175 16.73 -10.25 -2.67
C VAL A 175 17.49 -11.57 -2.66
N GLY A 176 16.81 -12.65 -2.32
CA GLY A 176 17.44 -13.97 -2.27
C GLY A 176 17.85 -14.49 -3.64
N LEU A 177 16.99 -14.30 -4.63
CA LEU A 177 17.30 -14.74 -5.99
C LEU A 177 18.54 -14.04 -6.51
N LEU A 178 18.65 -12.72 -6.28
CA LEU A 178 19.82 -11.99 -6.73
C LEU A 178 21.06 -12.39 -5.94
N ARG A 179 20.92 -12.48 -4.62
CA ARG A 179 22.02 -12.93 -3.76
C ARG A 179 22.57 -14.28 -4.21
N ASP A 180 21.67 -15.22 -4.51
CA ASP A 180 22.08 -16.53 -5.00
C ASP A 180 22.76 -16.44 -6.37
N ALA A 181 22.20 -15.63 -7.26
CA ALA A 181 22.72 -15.49 -8.62
C ALA A 181 24.11 -14.88 -8.63
N ILE A 182 24.35 -13.91 -7.76
CA ILE A 182 25.67 -13.31 -7.61
C ILE A 182 26.69 -14.33 -7.10
N LYS A 183 26.29 -15.12 -6.11
CA LYS A 183 27.12 -16.23 -5.62
C LYS A 183 27.46 -17.19 -6.75
N ARG A 184 26.46 -17.47 -7.59
CA ARG A 184 26.61 -18.35 -8.74
C ARG A 184 27.71 -17.86 -9.68
N ARG A 185 27.70 -16.55 -9.97
CA ARG A 185 28.68 -15.94 -10.87
C ARG A 185 30.10 -16.07 -10.32
N GLY A 186 30.28 -15.68 -9.07
CA GLY A 186 31.57 -15.79 -8.39
C GLY A 186 32.71 -15.00 -9.01
N ASP A 187 32.37 -13.88 -9.65
CA ASP A 187 33.37 -13.03 -10.32
C ASP A 187 33.43 -11.60 -9.76
N PHE A 188 32.30 -11.11 -9.22
CA PHE A 188 32.29 -9.81 -8.53
C PHE A 188 31.48 -9.92 -7.24
N GLU A 189 31.87 -9.13 -6.25
CA GLU A 189 31.22 -9.15 -4.95
C GLU A 189 30.21 -8.01 -4.89
N MET A 190 29.07 -8.28 -4.28
CA MET A 190 28.01 -7.28 -4.18
C MET A 190 27.11 -7.69 -3.03
N ASP A 191 26.72 -6.71 -2.23
CA ASP A 191 25.76 -6.93 -1.15
C ASP A 191 24.38 -6.53 -1.67
N VAL A 192 23.39 -7.36 -1.41
CA VAL A 192 22.01 -7.01 -1.72
C VAL A 192 21.39 -6.73 -0.37
N VAL A 193 20.85 -5.53 -0.20
CA VAL A 193 20.31 -5.13 1.09
C VAL A 193 18.83 -5.48 1.17
N ALA A 194 18.35 -5.64 2.40
CA ALA A 194 16.95 -5.92 2.63
C ALA A 194 16.13 -4.75 2.10
N MET A 195 14.97 -5.05 1.53
CA MET A 195 14.08 -3.98 1.10
C MET A 195 13.40 -3.37 2.31
N VAL A 196 13.04 -2.10 2.20
CA VAL A 196 12.17 -1.49 3.20
C VAL A 196 10.73 -1.85 2.83
N ASN A 197 9.86 -1.76 3.83
CA ASN A 197 8.43 -1.95 3.61
C ASN A 197 7.92 -0.99 2.55
N ASP A 198 6.93 -1.41 1.78
CA ASP A 198 6.39 -0.56 0.70
C ASP A 198 5.87 0.81 1.19
N THR A 199 5.34 0.86 2.41
CA THR A 199 4.88 2.15 2.95
C THR A 199 6.07 3.08 3.16
N VAL A 200 7.17 2.51 3.65
CA VAL A 200 8.40 3.24 3.92
C VAL A 200 9.02 3.73 2.61
N ALA A 201 9.04 2.87 1.61
CA ALA A 201 9.50 3.24 0.27
C ALA A 201 8.66 4.39 -0.29
N THR A 202 7.35 4.31 -0.09
CA THR A 202 6.46 5.39 -0.50
C THR A 202 6.79 6.69 0.21
N MET A 203 6.98 6.64 1.53
CA MET A 203 7.30 7.84 2.28
C MET A 203 8.61 8.45 1.79
N ILE A 204 9.62 7.63 1.60
CA ILE A 204 10.95 8.11 1.23
C ILE A 204 10.93 8.71 -0.16
N SER A 205 10.33 8.01 -1.11
CA SER A 205 10.29 8.50 -2.49
C SER A 205 9.49 9.80 -2.59
N CYS A 206 8.42 9.92 -1.81
CA CYS A 206 7.64 11.16 -1.76
C CYS A 206 8.39 12.27 -1.04
N TYR A 207 9.15 11.90 -0.01
CA TYR A 207 10.01 12.84 0.69
C TYR A 207 11.03 13.47 -0.25
N TYR A 208 11.55 12.69 -1.21
CA TYR A 208 12.48 13.25 -2.19
C TYR A 208 11.89 14.49 -2.87
N GLU A 209 10.59 14.44 -3.16
CA GLU A 209 9.91 15.52 -3.87
C GLU A 209 9.38 16.58 -2.90
N ASP A 210 9.04 16.17 -1.68
CA ASP A 210 8.46 17.07 -0.69
C ASP A 210 8.99 16.73 0.70
N HIS A 211 9.85 17.59 1.24
CA HIS A 211 10.54 17.29 2.50
C HIS A 211 9.65 17.36 3.75
N GLN A 212 8.40 17.77 3.57
CA GLN A 212 7.41 17.69 4.63
C GLN A 212 6.72 16.33 4.68
N CYS A 213 7.07 15.41 3.78
CA CYS A 213 6.48 14.09 3.81
C CYS A 213 7.06 13.28 4.96
N GLU A 214 6.21 12.95 5.93
CA GLU A 214 6.61 12.10 7.06
C GLU A 214 5.60 10.97 7.31
N VAL A 215 4.78 10.67 6.30
CA VAL A 215 3.83 9.56 6.37
C VAL A 215 3.81 8.88 5.02
N GLY A 216 3.82 7.55 5.04
CA GLY A 216 3.68 6.74 3.85
C GLY A 216 2.51 5.81 4.05
N MET A 217 1.70 5.64 3.01
CA MET A 217 0.56 4.75 3.10
C MET A 217 0.32 4.05 1.79
N ILE A 218 -0.12 2.80 1.90
CA ILE A 218 -0.47 1.99 0.75
C ILE A 218 -1.92 1.58 0.89
N VAL A 219 -2.70 1.82 -0.17
CA VAL A 219 -4.03 1.24 -0.30
C VAL A 219 -4.06 0.51 -1.63
N GLY A 220 -3.67 -0.75 -1.56
CA GLY A 220 -3.64 -1.62 -2.74
C GLY A 220 -4.38 -2.89 -2.41
N THR A 221 -3.75 -4.02 -2.65
CA THR A 221 -4.31 -5.32 -2.29
C THR A 221 -4.46 -5.38 -0.78
N GLY A 222 -3.43 -4.94 -0.08
CA GLY A 222 -3.46 -4.72 1.35
C GLY A 222 -3.47 -3.24 1.67
N CYS A 223 -3.45 -2.92 2.95
CA CYS A 223 -3.45 -1.53 3.40
C CYS A 223 -2.58 -1.39 4.64
N ASN A 224 -1.74 -0.37 4.64
CA ASN A 224 -0.77 -0.16 5.71
C ASN A 224 -0.29 1.28 5.68
N ALA A 225 0.30 1.72 6.78
CA ALA A 225 0.88 3.05 6.86
C ALA A 225 2.12 3.05 7.74
N CYS A 226 3.05 3.94 7.41
CA CYS A 226 4.18 4.23 8.28
C CYS A 226 4.23 5.72 8.52
N TYR A 227 4.93 6.13 9.57
CA TYR A 227 5.03 7.54 9.91
C TYR A 227 6.21 7.81 10.82
N MET A 228 6.65 9.06 10.85
CA MET A 228 7.81 9.45 11.64
C MET A 228 7.36 9.74 13.07
N GLU A 229 7.67 8.80 13.95
CA GLU A 229 7.29 8.86 15.36
C GLU A 229 8.43 9.49 16.16
N GLU A 230 8.07 10.18 17.24
CA GLU A 230 9.05 10.74 18.16
C GLU A 230 9.81 9.60 18.81
N MET A 231 11.13 9.73 18.90
CA MET A 231 11.95 8.65 19.44
C MET A 231 11.58 8.28 20.88
N GLN A 232 11.14 9.25 21.68
CA GLN A 232 10.67 8.96 23.04
C GLN A 232 9.48 7.99 23.07
N ASN A 233 8.65 8.03 22.04
CA ASN A 233 7.48 7.15 21.94
C ASN A 233 7.81 5.79 21.35
N VAL A 234 8.94 5.70 20.65
CA VAL A 234 9.42 4.43 20.15
C VAL A 234 10.22 3.78 21.28
N GLU A 235 9.51 3.13 22.18
CA GLU A 235 10.13 2.55 23.37
C GLU A 235 11.03 1.35 23.04
N LEU A 236 10.80 0.73 21.89
CA LEU A 236 11.62 -0.41 21.44
C LEU A 236 13.04 -0.03 21.01
N VAL A 237 13.31 1.26 20.85
CA VAL A 237 14.66 1.73 20.51
C VAL A 237 15.07 2.79 21.51
N GLU A 238 16.18 2.56 22.20
CA GLU A 238 16.62 3.51 23.21
C GLU A 238 16.98 4.86 22.59
N GLY A 239 16.55 5.93 23.24
CA GLY A 239 16.82 7.30 22.77
C GLY A 239 15.54 8.11 22.69
N ASP A 240 15.63 9.41 22.98
CA ASP A 240 14.48 10.31 22.92
C ASP A 240 14.71 11.46 21.95
N GLU A 241 15.77 11.38 21.16
CA GLU A 241 16.16 12.45 20.25
C GLU A 241 15.75 12.13 18.82
N GLY A 242 15.10 13.09 18.17
CA GLY A 242 14.70 12.95 16.79
C GLY A 242 13.53 12.01 16.59
N ARG A 243 13.41 11.50 15.37
CA ARG A 243 12.27 10.70 14.99
C ARG A 243 12.72 9.41 14.31
N MET A 244 11.84 8.43 14.31
CA MET A 244 12.08 7.20 13.56
C MET A 244 10.78 6.77 12.91
N CYS A 245 10.90 6.29 11.69
CA CYS A 245 9.76 5.79 10.97
C CYS A 245 9.26 4.51 11.66
N VAL A 246 7.96 4.46 11.90
CA VAL A 246 7.33 3.29 12.48
C VAL A 246 6.39 2.69 11.45
N ASN A 247 6.54 1.40 11.20
CA ASN A 247 5.68 0.66 10.30
C ASN A 247 4.54 0.08 11.13
N THR A 248 3.35 0.67 11.01
CA THR A 248 2.24 0.30 11.91
C THR A 248 1.82 -1.15 11.74
N GLU A 249 1.86 -1.64 10.50
CA GLU A 249 1.22 -2.90 10.12
C GLU A 249 -0.21 -2.93 10.66
N TRP A 250 -0.94 -1.85 10.39
CA TRP A 250 -2.25 -1.66 10.99
C TRP A 250 -3.36 -2.56 10.44
N GLY A 251 -3.05 -3.30 9.38
CA GLY A 251 -3.99 -4.25 8.80
C GLY A 251 -4.49 -5.28 9.80
N ALA A 252 -3.66 -5.59 10.81
CA ALA A 252 -3.99 -6.54 11.88
C ALA A 252 -5.00 -6.02 12.91
N PHE A 253 -5.30 -4.74 12.86
CA PHE A 253 -6.29 -4.12 13.74
C PHE A 253 -7.65 -4.84 13.63
N GLY A 254 -8.30 -5.08 14.76
CA GLY A 254 -9.63 -5.73 14.76
C GLY A 254 -9.66 -7.10 15.43
N ASP A 255 -8.45 -7.63 15.67
CA ASP A 255 -8.19 -8.90 16.37
C ASP A 255 -8.96 -9.17 17.65
N SER A 256 -9.21 -8.11 18.41
CA SER A 256 -9.89 -8.23 19.70
C SER A 256 -11.28 -7.58 19.67
N GLY A 257 -11.85 -7.44 18.48
CA GLY A 257 -13.23 -6.99 18.34
C GLY A 257 -13.40 -5.49 18.19
N GLU A 258 -12.31 -4.79 17.92
CA GLU A 258 -12.33 -3.32 17.80
C GLU A 258 -13.24 -2.83 16.66
N LEU A 259 -13.49 -3.69 15.68
CA LEU A 259 -14.31 -3.34 14.53
C LEU A 259 -15.66 -4.06 14.51
N ASP A 260 -15.90 -4.92 15.50
CA ASP A 260 -17.03 -5.85 15.44
C ASP A 260 -18.38 -5.16 15.23
N GLU A 261 -18.58 -4.03 15.89
CA GLU A 261 -19.86 -3.33 15.77
C GLU A 261 -20.09 -2.77 14.36
N PHE A 262 -19.04 -2.69 13.55
CA PHE A 262 -19.13 -2.16 12.19
C PHE A 262 -19.14 -3.22 11.11
N LEU A 263 -18.92 -4.47 11.49
CA LEU A 263 -18.86 -5.56 10.53
C LEU A 263 -20.26 -5.93 10.06
N LEU A 264 -20.41 -6.08 8.75
CA LEU A 264 -21.67 -6.48 8.15
C LEU A 264 -21.59 -7.96 7.82
N GLU A 265 -22.73 -8.56 7.48
CA GLU A 265 -22.76 -9.98 7.12
C GLU A 265 -21.74 -10.31 6.03
N TYR A 266 -21.57 -9.41 5.07
CA TYR A 266 -20.62 -9.60 3.97
C TYR A 266 -19.20 -9.74 4.47
N ASP A 267 -18.85 -8.89 5.43
CA ASP A 267 -17.52 -8.91 6.04
C ASP A 267 -17.29 -10.22 6.77
N ARG A 268 -18.31 -10.68 7.48
CA ARG A 268 -18.21 -11.91 8.23
C ARG A 268 -18.00 -13.09 7.28
N LEU A 269 -18.70 -13.09 6.15
CA LEU A 269 -18.56 -14.16 5.16
C LEU A 269 -17.18 -14.16 4.52
N VAL A 270 -16.71 -12.98 4.13
CA VAL A 270 -15.36 -12.83 3.57
C VAL A 270 -14.32 -13.38 4.55
N ASP A 271 -14.45 -13.00 5.81
CA ASP A 271 -13.51 -13.42 6.83
C ASP A 271 -13.53 -14.94 7.02
N GLU A 272 -14.74 -15.50 7.12
CA GLU A 272 -14.91 -16.94 7.33
C GLU A 272 -14.28 -17.79 6.22
N SER A 273 -14.35 -17.30 4.98
CA SER A 273 -13.81 -18.00 3.83
C SER A 273 -12.37 -17.62 3.49
N SER A 274 -11.77 -16.72 4.27
CA SER A 274 -10.40 -16.27 4.00
C SER A 274 -9.39 -17.29 4.49
N ALA A 275 -8.12 -17.06 4.17
CA ALA A 275 -7.03 -17.93 4.60
C ALA A 275 -6.71 -17.78 6.09
N ASN A 276 -7.13 -16.67 6.69
CA ASN A 276 -6.77 -16.31 8.06
C ASN A 276 -7.97 -15.74 8.82
N PRO A 277 -9.01 -16.56 9.03
CA PRO A 277 -10.21 -16.02 9.67
C PRO A 277 -9.94 -15.43 11.04
N GLY A 278 -10.53 -14.26 11.29
CA GLY A 278 -10.32 -13.54 12.55
C GLY A 278 -9.17 -12.56 12.50
N GLN A 279 -8.31 -12.66 11.48
CA GLN A 279 -7.12 -11.81 11.40
C GLN A 279 -7.23 -10.83 10.24
N GLN A 280 -6.46 -9.75 10.35
CA GLN A 280 -6.44 -8.70 9.33
C GLN A 280 -7.83 -8.15 9.03
N LEU A 281 -8.67 -8.04 10.07
CA LEU A 281 -10.04 -7.60 9.87
C LEU A 281 -10.12 -6.18 9.31
N TYR A 282 -9.24 -5.29 9.79
CA TYR A 282 -9.20 -3.92 9.28
C TYR A 282 -8.87 -3.94 7.79
N GLU A 283 -7.82 -4.67 7.43
CA GLU A 283 -7.40 -4.76 6.04
C GLU A 283 -8.50 -5.35 5.16
N LYS A 284 -9.25 -6.32 5.71
CA LYS A 284 -10.35 -6.93 4.99
C LYS A 284 -11.50 -5.95 4.66
N LEU A 285 -11.61 -4.85 5.40
CA LEU A 285 -12.60 -3.82 5.11
C LEU A 285 -12.14 -2.84 4.04
N ILE A 286 -10.84 -2.82 3.77
CA ILE A 286 -10.25 -1.77 2.92
C ILE A 286 -9.58 -2.30 1.65
N GLY A 287 -8.81 -3.38 1.79
CA GLY A 287 -7.93 -3.83 0.74
C GLY A 287 -8.62 -4.30 -0.52
N GLY A 288 -7.93 -4.12 -1.64
CA GLY A 288 -8.40 -4.64 -2.93
C GLY A 288 -8.44 -6.15 -2.96
N LYS A 289 -7.75 -6.83 -2.06
CA LYS A 289 -7.84 -8.27 -1.98
C LYS A 289 -9.29 -8.73 -1.82
N TYR A 290 -10.07 -7.98 -1.05
CA TYR A 290 -11.42 -8.40 -0.65
C TYR A 290 -12.56 -7.56 -1.20
N MET A 291 -12.25 -6.42 -1.81
CA MET A 291 -13.28 -5.45 -2.19
C MET A 291 -14.29 -6.01 -3.17
N GLY A 292 -13.79 -6.66 -4.22
CA GLY A 292 -14.66 -7.27 -5.22
C GLY A 292 -15.56 -8.33 -4.63
N GLU A 293 -14.99 -9.15 -3.75
CA GLU A 293 -15.76 -10.20 -3.10
C GLU A 293 -16.88 -9.61 -2.23
N LEU A 294 -16.60 -8.52 -1.54
CA LEU A 294 -17.64 -7.82 -0.77
C LEU A 294 -18.77 -7.38 -1.69
N VAL A 295 -18.43 -6.78 -2.82
CA VAL A 295 -19.45 -6.36 -3.78
C VAL A 295 -20.25 -7.56 -4.25
N ARG A 296 -19.58 -8.65 -4.63
CA ARG A 296 -20.28 -9.87 -5.07
C ARG A 296 -21.36 -10.27 -4.08
N LEU A 297 -21.00 -10.32 -2.80
CA LEU A 297 -21.92 -10.74 -1.75
C LEU A 297 -23.08 -9.75 -1.60
N VAL A 298 -22.79 -8.45 -1.75
CA VAL A 298 -23.85 -7.43 -1.72
C VAL A 298 -24.81 -7.64 -2.89
N LEU A 299 -24.25 -7.87 -4.08
CA LEU A 299 -25.08 -8.13 -5.25
C LEU A 299 -25.95 -9.37 -5.05
N LEU A 300 -25.39 -10.43 -4.47
CA LEU A 300 -26.18 -11.65 -4.19
C LEU A 300 -27.31 -11.42 -3.18
N ARG A 301 -27.06 -10.57 -2.17
CA ARG A 301 -28.10 -10.16 -1.24
C ARG A 301 -29.23 -9.47 -1.99
N LEU A 302 -28.88 -8.52 -2.85
CA LEU A 302 -29.86 -7.79 -3.66
C LEU A 302 -30.65 -8.72 -4.59
N VAL A 303 -29.97 -9.74 -5.13
CA VAL A 303 -30.64 -10.77 -5.93
C VAL A 303 -31.62 -11.57 -5.07
N ASP A 304 -31.16 -12.02 -3.90
CA ASP A 304 -31.99 -12.82 -2.99
C ASP A 304 -33.25 -12.06 -2.54
N GLU A 305 -33.14 -10.74 -2.47
CA GLU A 305 -34.28 -9.88 -2.11
C GLU A 305 -35.10 -9.48 -3.35
N ASN A 306 -34.78 -10.09 -4.48
CA ASN A 306 -35.42 -9.79 -5.77
C ASN A 306 -35.40 -8.30 -6.14
N LEU A 307 -34.26 -7.66 -5.88
CA LEU A 307 -34.03 -6.26 -6.23
C LEU A 307 -33.04 -6.10 -7.38
N LEU A 308 -32.44 -7.22 -7.82
CA LEU A 308 -31.41 -7.17 -8.84
C LEU A 308 -31.49 -8.41 -9.74
N PHE A 309 -31.30 -8.20 -11.04
CA PHE A 309 -31.31 -9.28 -12.05
C PHE A 309 -32.57 -10.15 -12.01
N HIS A 310 -33.70 -9.56 -11.61
CA HIS A 310 -34.97 -10.26 -11.43
C HIS A 310 -34.86 -11.49 -10.52
N GLY A 311 -34.03 -11.39 -9.49
CA GLY A 311 -33.84 -12.47 -8.52
C GLY A 311 -33.09 -13.67 -9.04
N GLU A 312 -32.43 -13.53 -10.20
CA GLU A 312 -31.72 -14.64 -10.83
C GLU A 312 -30.24 -14.30 -11.02
N ALA A 313 -29.40 -14.88 -10.16
CA ALA A 313 -27.95 -14.69 -10.28
C ALA A 313 -27.39 -15.71 -11.26
N SER A 314 -26.24 -15.36 -11.86
CA SER A 314 -25.54 -16.28 -12.75
C SER A 314 -24.69 -17.22 -11.91
N GLU A 315 -24.25 -18.31 -12.52
CA GLU A 315 -23.35 -19.24 -11.85
C GLU A 315 -22.01 -18.58 -11.53
N GLN A 316 -21.54 -17.72 -12.43
CA GLN A 316 -20.34 -16.92 -12.18
C GLN A 316 -20.53 -16.00 -10.98
N LEU A 317 -21.69 -15.33 -10.90
CA LEU A 317 -21.95 -14.43 -9.78
C LEU A 317 -21.98 -15.18 -8.45
N ARG A 318 -22.39 -16.45 -8.48
CA ARG A 318 -22.43 -17.30 -7.30
C ARG A 318 -21.08 -18.00 -7.02
N THR A 319 -20.05 -17.63 -7.77
CA THR A 319 -18.72 -18.22 -7.61
C THR A 319 -17.81 -17.27 -6.83
N ARG A 320 -17.28 -17.75 -5.70
CA ARG A 320 -16.30 -16.99 -4.91
C ARG A 320 -15.20 -16.42 -5.81
N GLY A 321 -14.93 -15.13 -5.66
CA GLY A 321 -13.83 -14.46 -6.37
C GLY A 321 -14.13 -13.97 -7.77
N ALA A 322 -15.33 -14.27 -8.28
CA ALA A 322 -15.65 -13.96 -9.68
C ALA A 322 -15.79 -12.46 -9.93
N PHE A 323 -16.28 -11.72 -8.93
CA PHE A 323 -16.34 -10.26 -9.05
C PHE A 323 -15.02 -9.68 -8.57
N GLU A 324 -14.15 -9.37 -9.52
CA GLU A 324 -12.80 -8.93 -9.24
C GLU A 324 -12.83 -7.49 -8.79
N THR A 325 -11.89 -7.11 -7.92
CA THR A 325 -11.79 -5.73 -7.47
C THR A 325 -11.65 -4.76 -8.64
N ARG A 326 -10.89 -5.15 -9.67
CA ARG A 326 -10.78 -4.33 -10.87
C ARG A 326 -12.15 -4.00 -11.46
N PHE A 327 -13.11 -4.91 -11.32
CA PHE A 327 -14.47 -4.67 -11.80
C PHE A 327 -15.15 -3.53 -11.03
N VAL A 328 -14.84 -3.41 -9.74
CA VAL A 328 -15.44 -2.36 -8.93
C VAL A 328 -15.00 -1.00 -9.47
N SER A 329 -13.71 -0.85 -9.72
CA SER A 329 -13.17 0.40 -10.23
C SER A 329 -13.69 0.70 -11.63
N GLN A 330 -13.78 -0.32 -12.47
CA GLN A 330 -14.33 -0.18 -13.82
C GLN A 330 -15.80 0.26 -13.79
N VAL A 331 -16.57 -0.36 -12.91
CA VAL A 331 -17.98 0.01 -12.75
C VAL A 331 -18.12 1.48 -12.34
N GLU A 332 -17.31 1.92 -11.40
CA GLU A 332 -17.35 3.31 -10.96
C GLU A 332 -16.71 4.29 -11.95
N SER A 333 -15.99 3.77 -12.94
CA SER A 333 -15.46 4.58 -14.04
C SER A 333 -16.50 4.86 -15.11
N ASP A 334 -17.63 4.16 -15.06
CA ASP A 334 -18.65 4.32 -16.09
C ASP A 334 -19.02 5.78 -16.25
N THR A 335 -19.11 6.23 -17.51
CA THR A 335 -19.33 7.64 -17.82
C THR A 335 -20.79 8.07 -17.71
N GLY A 336 -21.71 7.11 -17.59
CA GLY A 336 -23.14 7.40 -17.51
C GLY A 336 -23.94 6.61 -18.53
N ASP A 337 -23.29 6.19 -19.61
CA ASP A 337 -23.96 5.39 -20.64
C ASP A 337 -24.14 3.91 -20.23
N ARG A 338 -23.53 3.52 -19.11
CA ARG A 338 -23.70 2.17 -18.52
C ARG A 338 -23.02 1.07 -19.33
N LYS A 339 -22.16 1.45 -20.27
CA LYS A 339 -21.48 0.49 -21.15
C LYS A 339 -20.35 -0.26 -20.44
N GLN A 340 -19.59 0.42 -19.60
CA GLN A 340 -18.56 -0.23 -18.79
C GLN A 340 -19.19 -1.27 -17.86
N ILE A 341 -20.33 -0.91 -17.28
CA ILE A 341 -21.03 -1.78 -16.32
C ILE A 341 -21.64 -2.97 -17.05
N TYR A 342 -22.30 -2.70 -18.18
CA TYR A 342 -22.89 -3.78 -18.97
C TYR A 342 -21.83 -4.80 -19.38
N ASN A 343 -20.67 -4.33 -19.83
CA ASN A 343 -19.60 -5.22 -20.29
C ASN A 343 -19.05 -6.11 -19.17
N ILE A 344 -18.87 -5.55 -17.97
CA ILE A 344 -18.47 -6.34 -16.81
C ILE A 344 -19.51 -7.41 -16.50
N LEU A 345 -20.77 -7.00 -16.37
CA LEU A 345 -21.83 -7.90 -15.98
C LEU A 345 -22.15 -8.94 -17.06
N SER A 346 -22.05 -8.56 -18.34
CA SER A 346 -22.22 -9.52 -19.44
C SER A 346 -21.16 -10.62 -19.37
N THR A 347 -19.92 -10.23 -19.06
CA THR A 347 -18.82 -11.18 -18.86
C THR A 347 -19.12 -12.19 -17.76
N LEU A 348 -19.94 -11.78 -16.78
CA LEU A 348 -20.35 -12.65 -15.68
C LEU A 348 -21.62 -13.45 -15.98
N GLY A 349 -22.02 -13.51 -17.25
CA GLY A 349 -23.19 -14.28 -17.66
C GLY A 349 -24.51 -13.66 -17.26
N LEU A 350 -24.49 -12.34 -17.01
CA LEU A 350 -25.68 -11.60 -16.64
C LEU A 350 -26.15 -10.76 -17.81
N ARG A 351 -27.45 -10.55 -17.89
CA ARG A 351 -28.05 -9.67 -18.89
C ARG A 351 -28.74 -8.54 -18.14
N PRO A 352 -27.96 -7.56 -17.68
CA PRO A 352 -28.53 -6.53 -16.82
C PRO A 352 -29.40 -5.53 -17.59
N SER A 353 -30.50 -5.13 -16.95
CA SER A 353 -31.25 -3.97 -17.40
C SER A 353 -30.47 -2.71 -17.02
N THR A 354 -30.95 -1.56 -17.45
CA THR A 354 -30.32 -0.29 -17.10
C THR A 354 -30.40 -0.05 -15.59
N THR A 355 -31.52 -0.43 -14.99
CA THR A 355 -31.69 -0.32 -13.53
C THR A 355 -30.71 -1.23 -12.79
N ASP A 356 -30.54 -2.46 -13.28
CA ASP A 356 -29.54 -3.39 -12.72
C ASP A 356 -28.16 -2.74 -12.71
N CYS A 357 -27.78 -2.14 -13.83
CA CYS A 357 -26.48 -1.49 -13.95
C CYS A 357 -26.30 -0.37 -12.93
N ASP A 358 -27.32 0.46 -12.77
CA ASP A 358 -27.27 1.57 -11.83
C ASP A 358 -27.13 1.09 -10.39
N ILE A 359 -27.85 0.02 -10.05
CA ILE A 359 -27.77 -0.57 -8.71
C ILE A 359 -26.37 -1.12 -8.44
N VAL A 360 -25.81 -1.79 -9.43
CA VAL A 360 -24.48 -2.33 -9.29
C VAL A 360 -23.46 -1.22 -9.03
N ARG A 361 -23.60 -0.10 -9.75
CA ARG A 361 -22.72 1.05 -9.52
C ARG A 361 -22.80 1.55 -8.08
N ARG A 362 -24.03 1.66 -7.57
CA ARG A 362 -24.22 2.15 -6.22
C ARG A 362 -23.73 1.16 -5.18
N ALA A 363 -23.86 -0.15 -5.47
CA ALA A 363 -23.29 -1.18 -4.60
C ALA A 363 -21.78 -1.06 -4.52
N CYS A 364 -21.15 -0.83 -5.67
CA CYS A 364 -19.71 -0.63 -5.76
C CYS A 364 -19.29 0.62 -4.98
N GLU A 365 -20.00 1.73 -5.22
CA GLU A 365 -19.78 2.98 -4.50
C GLU A 365 -19.89 2.81 -2.98
N SER A 366 -20.88 2.04 -2.53
CA SER A 366 -21.10 1.80 -1.11
C SER A 366 -19.91 1.11 -0.46
N VAL A 367 -19.41 0.08 -1.13
CA VAL A 367 -18.27 -0.68 -0.61
C VAL A 367 -17.00 0.14 -0.62
N SER A 368 -16.70 0.79 -1.74
CA SER A 368 -15.47 1.58 -1.86
C SER A 368 -15.48 2.82 -0.95
N THR A 369 -16.65 3.42 -0.77
CA THR A 369 -16.78 4.56 0.12
C THR A 369 -16.50 4.12 1.55
N ARG A 370 -17.06 2.98 1.96
CA ARG A 370 -16.79 2.48 3.29
C ARG A 370 -15.31 2.18 3.50
N ALA A 371 -14.66 1.61 2.49
CA ALA A 371 -13.22 1.39 2.52
C ALA A 371 -12.47 2.72 2.73
N ALA A 372 -12.84 3.75 1.96
CA ALA A 372 -12.23 5.07 2.12
C ALA A 372 -12.44 5.62 3.53
N HIS A 373 -13.66 5.46 4.05
CA HIS A 373 -13.97 5.91 5.41
C HIS A 373 -13.13 5.20 6.46
N MET A 374 -13.10 3.87 6.40
CA MET A 374 -12.31 3.10 7.35
C MET A 374 -10.82 3.44 7.29
N CYS A 375 -10.31 3.55 6.07
CA CYS A 375 -8.91 3.91 5.87
C CYS A 375 -8.64 5.30 6.47
N SER A 376 -9.56 6.24 6.25
CA SER A 376 -9.40 7.60 6.76
C SER A 376 -9.32 7.65 8.29
N ALA A 377 -10.08 6.79 8.96
CA ALA A 377 -10.02 6.70 10.41
C ALA A 377 -8.63 6.31 10.89
N GLY A 378 -7.99 5.36 10.21
CA GLY A 378 -6.63 4.98 10.54
C GLY A 378 -5.64 6.12 10.34
N LEU A 379 -5.63 6.71 9.15
CA LEU A 379 -4.70 7.78 8.86
C LEU A 379 -4.94 8.98 9.76
N ALA A 380 -6.22 9.31 9.99
CA ALA A 380 -6.58 10.37 10.92
C ALA A 380 -6.00 10.12 12.31
N GLY A 381 -6.09 8.88 12.77
CA GLY A 381 -5.52 8.51 14.07
C GLY A 381 -4.03 8.77 14.15
N VAL A 382 -3.31 8.39 13.08
CA VAL A 382 -1.87 8.65 12.97
C VAL A 382 -1.57 10.14 12.95
N ILE A 383 -2.25 10.87 12.07
CA ILE A 383 -1.99 12.30 11.91
C ILE A 383 -2.28 13.06 13.21
N ASN A 384 -3.43 12.79 13.82
CA ASN A 384 -3.78 13.43 15.10
C ASN A 384 -2.81 13.05 16.23
N ARG A 385 -2.34 11.81 16.23
CA ARG A 385 -1.29 11.41 17.15
C ARG A 385 0.00 12.23 16.94
N MET A 386 0.41 12.36 15.68
CA MET A 386 1.61 13.13 15.33
C MET A 386 1.48 14.59 15.75
N ARG A 387 0.32 15.18 15.51
CA ARG A 387 0.07 16.56 15.90
C ARG A 387 0.22 16.78 17.41
N GLU A 388 -0.28 15.84 18.21
CA GLU A 388 -0.26 15.98 19.66
C GLU A 388 1.10 15.60 20.24
N SER A 389 1.79 14.66 19.59
CA SER A 389 3.15 14.28 19.97
C SER A 389 4.13 15.44 19.78
N ARG A 390 3.91 16.23 18.74
CA ARG A 390 4.77 17.36 18.41
C ARG A 390 4.22 18.68 18.95
N SER A 391 2.99 18.65 19.46
CA SER A 391 2.29 19.84 19.97
C SER A 391 2.48 21.08 19.08
N VAL A 394 -1.49 23.83 15.24
CA VAL A 394 -1.76 23.44 13.81
C VAL A 394 -0.53 22.84 13.13
N MET A 395 -0.71 21.70 12.46
CA MET A 395 0.39 20.95 11.86
C MET A 395 0.26 20.82 10.34
N ARG A 396 1.29 21.26 9.63
CA ARG A 396 1.38 21.04 8.19
C ARG A 396 2.16 19.76 7.95
N ILE A 397 1.58 18.84 7.17
CA ILE A 397 2.19 17.55 6.93
C ILE A 397 1.86 17.03 5.55
N THR A 398 2.82 16.34 4.94
CA THR A 398 2.58 15.70 3.65
C THR A 398 2.52 14.19 3.84
N VAL A 399 1.54 13.58 3.18
CA VAL A 399 1.35 12.15 3.22
C VAL A 399 1.56 11.59 1.83
N GLY A 400 2.51 10.64 1.72
CA GLY A 400 2.79 9.97 0.47
C GLY A 400 1.93 8.74 0.39
N VAL A 401 1.29 8.53 -0.76
CA VAL A 401 0.35 7.41 -0.90
C VAL A 401 0.59 6.68 -2.20
N ASP A 402 0.49 5.36 -2.14
CA ASP A 402 0.54 4.52 -3.33
C ASP A 402 -0.48 3.39 -3.17
N GLY A 403 -0.59 2.55 -4.19
CA GLY A 403 -1.49 1.40 -4.14
C GLY A 403 -2.56 1.49 -5.21
N SER A 404 -2.98 0.33 -5.70
CA SER A 404 -3.92 0.23 -6.82
C SER A 404 -5.27 0.87 -6.53
N VAL A 405 -5.76 0.68 -5.31
CA VAL A 405 -7.07 1.20 -4.95
C VAL A 405 -7.01 2.73 -4.91
N TYR A 406 -6.02 3.28 -4.19
CA TYR A 406 -5.86 4.71 -4.10
C TYR A 406 -5.63 5.34 -5.47
N LYS A 407 -4.84 4.68 -6.32
CA LYS A 407 -4.47 5.25 -7.62
C LYS A 407 -5.51 5.03 -8.72
N LEU A 408 -6.01 3.81 -8.86
CA LEU A 408 -6.85 3.45 -10.00
C LEU A 408 -8.34 3.64 -9.75
N HIS A 409 -8.77 3.60 -8.50
CA HIS A 409 -10.19 3.60 -8.21
C HIS A 409 -10.79 5.00 -8.36
N PRO A 410 -11.81 5.15 -9.23
CA PRO A 410 -12.42 6.46 -9.44
C PRO A 410 -12.92 7.09 -8.15
N SER A 411 -12.44 8.30 -7.88
CA SER A 411 -12.88 9.10 -6.73
C SER A 411 -12.57 8.50 -5.35
N PHE A 412 -11.86 7.38 -5.28
CA PHE A 412 -11.52 6.81 -3.97
C PHE A 412 -10.64 7.79 -3.20
N LYS A 413 -9.58 8.28 -3.84
CA LYS A 413 -8.66 9.18 -3.16
C LYS A 413 -9.38 10.46 -2.72
N GLU A 414 -10.30 10.94 -3.55
CA GLU A 414 -11.04 12.16 -3.24
C GLU A 414 -11.92 11.95 -2.02
N ARG A 415 -12.63 10.83 -1.98
CA ARG A 415 -13.46 10.51 -0.82
C ARG A 415 -12.60 10.30 0.42
N PHE A 416 -11.48 9.60 0.23
CA PHE A 416 -10.53 9.35 1.30
C PHE A 416 -9.97 10.66 1.85
N HIS A 417 -9.50 11.54 0.97
CA HIS A 417 -8.96 12.83 1.38
C HIS A 417 -9.95 13.62 2.21
N ALA A 418 -11.17 13.74 1.68
CA ALA A 418 -12.24 14.49 2.33
C ALA A 418 -12.50 13.98 3.75
N SER A 419 -12.59 12.66 3.89
CA SER A 419 -12.84 12.05 5.19
C SER A 419 -11.68 12.29 6.17
N VAL A 420 -10.46 12.07 5.70
CA VAL A 420 -9.28 12.30 6.54
C VAL A 420 -9.26 13.73 7.05
N ARG A 421 -9.49 14.69 6.15
CA ARG A 421 -9.45 16.10 6.51
C ARG A 421 -10.54 16.46 7.52
N ARG A 422 -11.71 15.86 7.34
CA ARG A 422 -12.82 16.04 8.27
C ARG A 422 -12.44 15.60 9.69
N LEU A 423 -11.64 14.53 9.79
CA LEU A 423 -11.26 13.96 11.08
C LEU A 423 -9.98 14.57 11.67
N THR A 424 -9.34 15.49 10.94
CA THR A 424 -8.07 16.05 11.39
C THR A 424 -8.10 17.57 11.43
N PRO A 425 -8.96 18.13 12.29
CA PRO A 425 -8.98 19.59 12.41
C PRO A 425 -7.66 20.10 12.96
N SER A 426 -7.25 21.28 12.50
CA SER A 426 -5.97 21.89 12.85
C SER A 426 -4.76 21.11 12.30
N CYS A 427 -4.99 20.34 11.23
CA CYS A 427 -3.90 19.82 10.42
C CYS A 427 -4.14 20.24 8.99
N GLU A 428 -3.07 20.60 8.30
CA GLU A 428 -3.13 20.90 6.87
C GLU A 428 -2.40 19.76 6.16
N ILE A 429 -3.16 18.89 5.52
CA ILE A 429 -2.59 17.69 4.91
C ILE A 429 -2.48 17.83 3.41
N THR A 430 -1.27 17.63 2.90
CA THR A 430 -1.05 17.54 1.46
C THR A 430 -0.81 16.07 1.16
N PHE A 431 -1.56 15.56 0.18
CA PHE A 431 -1.38 14.18 -0.26
C PHE A 431 -0.59 14.20 -1.55
N ILE A 432 0.43 13.36 -1.64
CA ILE A 432 1.17 13.22 -2.90
C ILE A 432 1.38 11.77 -3.28
N GLU A 433 1.59 11.56 -4.58
CA GLU A 433 1.96 10.26 -5.12
C GLU A 433 3.33 10.41 -5.71
N SER A 434 4.18 9.39 -5.54
CA SER A 434 5.54 9.40 -6.08
C SER A 434 5.51 9.60 -7.60
N GLU A 435 6.29 10.56 -8.09
CA GLU A 435 6.48 10.74 -9.53
C GLU A 435 7.76 10.01 -9.92
N GLU A 436 7.65 9.13 -10.92
CA GLU A 436 8.81 8.41 -11.45
C GLU A 436 9.98 9.36 -11.65
N GLY A 437 9.71 10.47 -12.35
CA GLY A 437 10.72 11.49 -12.64
C GLY A 437 11.88 10.88 -13.38
N SER A 438 13.08 11.09 -12.84
CA SER A 438 14.29 10.49 -13.38
C SER A 438 14.79 9.36 -12.48
N GLY A 439 13.92 8.83 -11.63
CA GLY A 439 14.27 7.70 -10.79
C GLY A 439 15.02 8.06 -9.51
N ARG A 440 15.17 9.36 -9.22
CA ARG A 440 15.94 9.79 -8.06
C ARG A 440 15.21 9.54 -6.74
N GLY A 441 13.87 9.59 -6.76
CA GLY A 441 13.09 9.23 -5.58
C GLY A 441 13.34 7.77 -5.20
N ALA A 442 13.30 6.90 -6.22
CA ALA A 442 13.61 5.49 -6.05
C ALA A 442 15.05 5.31 -5.60
N ALA A 443 15.97 6.10 -6.16
CA ALA A 443 17.36 6.04 -5.74
C ALA A 443 17.48 6.34 -4.25
N LEU A 444 16.72 7.33 -3.78
CA LEU A 444 16.76 7.69 -2.37
C LEU A 444 16.28 6.54 -1.49
N VAL A 445 15.26 5.81 -1.95
CA VAL A 445 14.79 4.63 -1.20
C VAL A 445 15.95 3.66 -1.02
N SER A 446 16.67 3.40 -2.09
CA SER A 446 17.80 2.48 -2.03
C SER A 446 18.93 3.04 -1.16
N ALA A 447 19.13 4.35 -1.19
CA ALA A 447 20.12 4.98 -0.34
C ALA A 447 19.80 4.69 1.12
N VAL A 448 18.55 4.91 1.50
CA VAL A 448 18.13 4.69 2.87
C VAL A 448 18.25 3.20 3.21
N ALA A 449 17.80 2.33 2.33
CA ALA A 449 17.89 0.89 2.58
C ALA A 449 19.34 0.47 2.79
N CYS A 450 20.25 0.98 1.96
CA CYS A 450 21.66 0.63 2.07
C CYS A 450 22.30 1.21 3.32
N LYS A 451 21.95 2.44 3.64
CA LYS A 451 22.47 3.11 4.83
C LYS A 451 21.97 2.41 6.09
N LYS A 452 20.71 2.00 6.08
CA LYS A 452 20.13 1.26 7.20
C LYS A 452 20.87 -0.06 7.42
N ALA A 453 21.11 -0.79 6.34
CA ALA A 453 21.78 -2.10 6.42
C ALA A 453 23.18 -1.94 6.97
N CYS A 454 23.85 -0.88 6.54
CA CYS A 454 25.17 -0.53 7.05
C CYS A 454 25.10 -0.24 8.55
N MET A 455 24.19 0.66 8.92
CA MET A 455 23.96 1.01 10.32
C MET A 455 23.70 -0.21 11.21
N LEU A 456 22.94 -1.17 10.70
CA LEU A 456 22.56 -2.36 11.46
C LEU A 456 23.61 -3.48 11.43
N GLY A 457 24.73 -3.24 10.75
CA GLY A 457 25.83 -4.20 10.73
C GLY A 457 25.59 -5.39 9.82
N GLN A 458 24.72 -5.20 8.82
CA GLN A 458 24.40 -6.27 7.88
C GLN A 458 25.34 -6.24 6.69
#